data_3IU7
#
_entry.id   3IU7
#
_cell.length_a   106.412
_cell.length_b   106.412
_cell.length_c   50.422
_cell.angle_alpha   90.000
_cell.angle_beta   90.000
_cell.angle_gamma   120.000
#
_symmetry.space_group_name_H-M   'P 63'
#
loop_
_entity.id
_entity.type
_entity.pdbx_description
1 polymer 'Methionine aminopeptidase'
2 non-polymer 'MANGANESE (II) ION'
3 non-polymer '5-(2-CHLOROPHENYL)FURAN-2-CARBOXYLIC ACID'
4 non-polymer 'SULFATE ION'
5 non-polymer 'CHLORIDE ION'
6 water water
#
_entity_poly.entity_id   1
_entity_poly.type   'polypeptide(L)'
_entity_poly.pdbx_seq_one_letter_code
;MASMPSRTALSPGVLSPTRPVPNWIARPEYVGKPAAQEGSEPWVQTPEVIEKMRVAGRIAAGALAEAGKAVAPGVTTDEL
DRIAHEYLVDNGAYPSTLGYKGFPKSCCTSLNEVICHGIPDSTVITDGDIVNIDVTAYIGGVHGDTNATFPAGDVADEHR
LLVDRTREATMRAINTVKPGRALSVIGRVIESYANRFGYNVVRDFTGHGIGTTFHNGLVVLHYDQPAVETIMQPGMTFTI
EPMINLGALDYEIWDDGWTVVTKDRKWTAQFEHTLLVTDTGVEILTCL
;
_entity_poly.pdbx_strand_id   A
#
loop_
_chem_comp.id
_chem_comp.type
_chem_comp.name
_chem_comp.formula
CL non-polymer 'CHLORIDE ION' 'Cl -1'
FCD non-polymer '5-(2-CHLOROPHENYL)FURAN-2-CARBOXYLIC ACID' 'C11 H7 Cl O3'
MN non-polymer 'MANGANESE (II) ION' 'Mn 2'
SO4 non-polymer 'SULFATE ION' 'O4 S -2'
#
# COMPACT_ATOMS: atom_id res chain seq x y z
N PRO A 5 -5.28 -12.31 25.38
CA PRO A 5 -5.91 -11.03 24.89
C PRO A 5 -4.97 -10.17 24.02
N SER A 6 -5.52 -9.44 23.04
CA SER A 6 -4.82 -8.44 22.16
C SER A 6 -5.15 -7.04 22.68
N ARG A 7 -4.49 -5.97 22.16
CA ARG A 7 -4.81 -4.60 22.70
C ARG A 7 -6.24 -4.15 22.37
N THR A 8 -6.66 -3.12 23.12
CA THR A 8 -7.79 -2.23 22.99
C THR A 8 -7.72 -1.32 21.77
N ALA A 9 -8.82 -0.63 21.43
CA ALA A 9 -8.87 0.30 20.28
C ALA A 9 -7.83 1.35 20.41
N LEU A 10 -7.27 1.73 19.25
CA LEU A 10 -6.24 2.76 19.17
C LEU A 10 -6.78 4.16 19.24
N SER A 11 -5.96 5.12 19.61
CA SER A 11 -6.28 6.53 19.56
C SER A 11 -5.12 7.26 18.92
N PRO A 12 -5.31 8.45 18.35
CA PRO A 12 -4.19 9.18 17.69
C PRO A 12 -3.16 9.68 18.64
N GLY A 13 -1.90 9.84 18.22
CA GLY A 13 -0.82 10.40 18.95
C GLY A 13 -0.33 11.70 18.43
N VAL A 14 0.91 12.09 18.68
CA VAL A 14 1.49 13.34 18.25
C VAL A 14 2.49 12.96 17.14
N LEU A 15 2.55 13.82 16.16
CA LEU A 15 3.46 13.65 15.05
C LEU A 15 4.80 14.29 15.40
N SER A 16 5.92 13.76 14.92
CA SER A 16 7.18 14.41 14.95
C SER A 16 7.28 15.53 13.93
N PRO A 17 8.28 16.37 13.97
CA PRO A 17 8.43 17.43 12.94
C PRO A 17 8.55 16.82 11.55
N THR A 18 8.18 17.63 10.55
CA THR A 18 8.29 17.19 9.16
C THR A 18 9.74 16.85 8.87
N ARG A 19 9.95 15.73 8.21
CA ARG A 19 11.27 15.29 7.89
C ARG A 19 11.78 15.86 6.58
N PRO A 20 12.96 16.40 6.59
CA PRO A 20 13.44 17.14 5.40
C PRO A 20 13.96 16.15 4.31
N VAL A 21 13.97 16.69 3.07
CA VAL A 21 14.51 15.97 1.93
C VAL A 21 15.53 16.90 1.23
N PRO A 22 16.76 16.48 0.98
CA PRO A 22 17.72 17.35 0.28
C PRO A 22 17.13 17.89 -1.02
N ASN A 23 17.48 19.11 -1.36
CA ASN A 23 16.86 19.79 -2.51
C ASN A 23 17.13 19.17 -3.85
N TRP A 24 18.27 18.48 -4.00
CA TRP A 24 18.60 17.81 -5.28
C TRP A 24 17.78 16.59 -5.57
N ILE A 25 16.94 16.17 -4.60
CA ILE A 25 15.97 15.06 -4.88
C ILE A 25 14.69 15.67 -5.47
N ALA A 26 14.42 15.43 -6.77
CA ALA A 26 13.31 16.11 -7.43
C ALA A 26 11.98 15.75 -6.79
N ARG A 27 11.15 16.74 -6.56
CA ARG A 27 9.84 16.54 -5.99
C ARG A 27 8.77 16.14 -7.03
N PRO A 28 7.81 15.28 -6.70
CA PRO A 28 6.64 15.20 -7.56
C PRO A 28 5.91 16.55 -7.56
N GLU A 29 5.12 16.78 -8.59
CA GLU A 29 4.60 18.14 -8.86
C GLU A 29 3.60 18.57 -7.77
N TYR A 30 3.01 17.61 -7.06
CA TYR A 30 1.95 17.93 -6.13
C TYR A 30 2.51 18.37 -4.77
N VAL A 31 3.77 18.31 -4.48
CA VAL A 31 4.27 18.74 -3.17
C VAL A 31 4.18 20.34 -3.26
N GLY A 32 3.57 20.85 -2.23
CA GLY A 32 3.33 22.34 -2.13
C GLY A 32 2.02 22.72 -2.79
N LYS A 33 1.22 21.79 -3.29
CA LYS A 33 -0.15 22.01 -3.78
C LYS A 33 -1.21 21.26 -2.99
N PRO A 34 -2.51 21.66 -3.03
CA PRO A 34 -3.45 20.95 -2.24
C PRO A 34 -4.02 19.65 -2.88
N ALA A 35 -3.92 19.58 -4.21
CA ALA A 35 -4.41 18.39 -4.95
C ALA A 35 -3.20 17.93 -5.81
N ALA A 36 -3.47 16.88 -6.60
CA ALA A 36 -2.43 16.25 -7.51
C ALA A 36 -2.86 16.23 -9.00
N GLN A 37 -1.91 16.26 -9.83
CA GLN A 37 -2.19 16.17 -11.29
C GLN A 37 -1.99 14.73 -11.74
N GLU A 38 -3.12 14.03 -11.77
CA GLU A 38 -3.10 12.62 -12.04
C GLU A 38 -4.52 12.22 -12.38
N GLY A 39 -4.64 11.06 -13.03
CA GLY A 39 -5.96 10.51 -13.26
C GLY A 39 -6.33 10.41 -14.75
N SER A 40 -5.52 10.95 -15.65
CA SER A 40 -5.81 10.98 -17.11
C SER A 40 -4.65 10.49 -17.91
N GLU A 41 -3.78 9.69 -17.30
CA GLU A 41 -2.53 9.30 -17.97
C GLU A 41 -2.76 7.96 -18.71
N PRO A 42 -1.85 7.65 -19.67
CA PRO A 42 -1.99 6.35 -20.37
C PRO A 42 -1.71 5.21 -19.41
N TRP A 43 -2.35 4.07 -19.69
CA TRP A 43 -2.24 2.89 -18.84
C TRP A 43 -1.09 1.94 -19.20
N VAL A 44 -0.72 1.91 -20.48
CA VAL A 44 0.45 1.19 -20.96
C VAL A 44 1.60 2.13 -20.91
N GLN A 45 2.70 1.73 -20.27
CA GLN A 45 3.84 2.59 -20.20
C GLN A 45 4.84 2.31 -21.23
N THR A 46 5.61 3.36 -21.55
CA THR A 46 6.71 3.14 -22.49
C THR A 46 7.87 2.33 -21.90
N PRO A 47 8.72 1.70 -22.73
CA PRO A 47 9.82 0.97 -22.19
C PRO A 47 10.71 1.86 -21.29
N GLU A 48 10.93 3.14 -21.63
CA GLU A 48 11.86 3.91 -20.77
C GLU A 48 11.22 4.08 -19.40
N VAL A 49 9.91 4.38 -19.36
CA VAL A 49 9.19 4.51 -18.14
C VAL A 49 9.28 3.22 -17.30
N ILE A 50 9.06 2.07 -17.92
CA ILE A 50 9.09 0.80 -17.20
C ILE A 50 10.46 0.59 -16.59
N GLU A 51 11.55 0.91 -17.31
CA GLU A 51 12.84 0.68 -16.73
C GLU A 51 13.05 1.57 -15.47
N LYS A 52 12.59 2.81 -15.50
CA LYS A 52 12.71 3.67 -14.30
C LYS A 52 11.77 3.15 -13.22
N MET A 53 10.62 2.55 -13.55
CA MET A 53 9.74 1.97 -12.50
C MET A 53 10.36 0.78 -11.83
N ARG A 54 11.23 0.03 -12.54
CA ARG A 54 11.95 -1.08 -11.84
C ARG A 54 12.83 -0.54 -10.73
N VAL A 55 13.48 0.61 -10.99
CA VAL A 55 14.37 1.21 -9.97
C VAL A 55 13.58 1.78 -8.84
N ALA A 56 12.47 2.52 -9.13
CA ALA A 56 11.62 3.01 -8.05
C ALA A 56 11.03 1.90 -7.24
N GLY A 57 10.64 0.84 -7.88
CA GLY A 57 10.03 -0.28 -7.15
C GLY A 57 11.01 -0.98 -6.27
N ARG A 58 12.26 -1.19 -6.72
CA ARG A 58 13.22 -1.85 -5.87
C ARG A 58 13.56 -0.96 -4.65
N ILE A 59 13.69 0.35 -4.84
CA ILE A 59 13.97 1.21 -3.70
C ILE A 59 12.84 1.22 -2.74
N ALA A 60 11.56 1.28 -3.19
CA ALA A 60 10.43 1.18 -2.31
C ALA A 60 10.44 -0.13 -1.59
N ALA A 61 10.73 -1.27 -2.28
CA ALA A 61 10.79 -2.55 -1.61
C ALA A 61 11.87 -2.59 -0.53
N GLY A 62 13.00 -1.92 -0.76
CA GLY A 62 14.04 -1.90 0.30
C GLY A 62 13.58 -1.11 1.49
N ALA A 63 12.95 0.06 1.28
CA ALA A 63 12.43 0.88 2.40
C ALA A 63 11.42 0.13 3.19
N LEU A 64 10.50 -0.57 2.49
CA LEU A 64 9.50 -1.37 3.20
C LEU A 64 10.13 -2.46 4.00
N ALA A 65 11.11 -3.19 3.43
CA ALA A 65 11.72 -4.33 4.18
C ALA A 65 12.53 -3.78 5.33
N GLU A 66 13.22 -2.69 5.25
CA GLU A 66 13.99 -2.17 6.40
C GLU A 66 13.05 -1.69 7.44
N ALA A 67 11.97 -0.99 7.11
CA ALA A 67 11.04 -0.59 8.17
C ALA A 67 10.33 -1.83 8.71
N GLY A 68 9.95 -2.79 7.92
CA GLY A 68 9.33 -3.98 8.43
C GLY A 68 10.25 -4.78 9.37
N LYS A 69 11.54 -4.77 9.13
CA LYS A 69 12.52 -5.50 10.03
C LYS A 69 12.44 -4.88 11.41
N ALA A 70 12.15 -3.59 11.55
CA ALA A 70 12.12 -2.88 12.84
C ALA A 70 10.81 -3.08 13.57
N VAL A 71 9.77 -3.66 12.99
CA VAL A 71 8.53 -3.87 13.70
C VAL A 71 8.78 -4.81 14.85
N ALA A 72 8.46 -4.38 16.07
CA ALA A 72 8.61 -5.19 17.27
C ALA A 72 7.83 -4.47 18.34
N PRO A 73 7.38 -5.19 19.38
CA PRO A 73 6.82 -4.46 20.53
C PRO A 73 7.81 -3.44 21.07
N GLY A 74 7.25 -2.27 21.36
CA GLY A 74 8.01 -1.17 21.98
C GLY A 74 8.41 -0.07 20.95
N VAL A 75 8.36 -0.39 19.64
CA VAL A 75 8.77 0.56 18.59
C VAL A 75 7.57 1.43 18.25
N THR A 76 7.85 2.68 17.99
CA THR A 76 6.77 3.62 17.56
C THR A 76 6.58 3.57 16.01
N THR A 77 5.37 3.93 15.62
CA THR A 77 5.17 4.04 14.14
C THR A 77 5.96 5.21 13.59
N ASP A 78 6.26 6.24 14.37
CA ASP A 78 7.16 7.27 13.90
C ASP A 78 8.54 6.73 13.59
N GLU A 79 9.06 5.80 14.42
CA GLU A 79 10.36 5.23 14.11
C GLU A 79 10.38 4.47 12.79
N LEU A 80 9.24 3.80 12.48
CA LEU A 80 9.19 3.11 11.16
C LEU A 80 9.27 4.14 10.02
N ASP A 81 8.55 5.26 10.17
CA ASP A 81 8.63 6.31 9.19
C ASP A 81 10.02 6.86 9.06
N ARG A 82 10.77 7.09 10.17
CA ARG A 82 12.13 7.56 10.04
C ARG A 82 12.96 6.61 9.17
N ILE A 83 12.82 5.32 9.52
CA ILE A 83 13.61 4.30 8.71
C ILE A 83 13.25 4.37 7.21
N ALA A 84 11.95 4.40 6.93
CA ALA A 84 11.58 4.43 5.52
C ALA A 84 12.04 5.70 4.78
N HIS A 85 11.83 6.83 5.48
CA HIS A 85 12.21 8.15 4.96
C HIS A 85 13.67 8.16 4.68
N GLU A 86 14.51 7.81 5.64
CA GLU A 86 15.96 7.88 5.43
C GLU A 86 16.39 6.91 4.35
N TYR A 87 15.76 5.72 4.28
CA TYR A 87 16.19 4.79 3.21
C TYR A 87 15.94 5.37 1.87
N LEU A 88 14.76 6.00 1.68
CA LEU A 88 14.43 6.64 0.43
C LEU A 88 15.37 7.77 0.09
N VAL A 89 15.57 8.66 1.07
CA VAL A 89 16.40 9.84 0.77
C VAL A 89 17.87 9.42 0.51
N ASP A 90 18.40 8.43 1.26
CA ASP A 90 19.75 8.01 0.98
C ASP A 90 19.90 7.40 -0.41
N ASN A 91 18.77 6.89 -0.99
CA ASN A 91 18.71 6.40 -2.35
C ASN A 91 18.28 7.46 -3.35
N GLY A 92 18.26 8.75 -2.97
CA GLY A 92 17.93 9.79 -3.92
C GLY A 92 16.48 9.76 -4.38
N ALA A 93 15.58 9.17 -3.55
CA ALA A 93 14.16 9.09 -3.87
C ALA A 93 13.36 10.00 -2.95
N TYR A 94 12.28 10.54 -3.50
CA TYR A 94 11.36 11.33 -2.69
C TYR A 94 10.26 10.43 -2.16
N PRO A 95 9.84 10.51 -0.89
CA PRO A 95 8.74 9.63 -0.44
C PRO A 95 7.41 10.16 -0.99
N SER A 96 6.76 9.42 -1.90
CA SER A 96 5.62 10.02 -2.61
C SER A 96 4.50 10.47 -1.69
N THR A 97 4.30 9.84 -0.56
CA THR A 97 3.16 10.33 0.31
C THR A 97 3.46 11.68 0.96
N LEU A 98 4.74 12.09 1.06
CA LEU A 98 5.06 13.25 1.89
C LEU A 98 4.63 14.52 1.14
N GLY A 99 3.53 15.12 1.64
CA GLY A 99 2.95 16.29 0.96
C GLY A 99 1.94 15.90 -0.11
N TYR A 100 1.60 14.63 -0.26
CA TYR A 100 0.56 14.25 -1.25
C TYR A 100 -0.78 14.55 -0.66
N LYS A 101 -1.47 15.53 -1.26
CA LYS A 101 -2.75 16.02 -0.76
C LYS A 101 -2.57 16.43 0.72
N GLY A 102 -1.42 16.94 1.04
CA GLY A 102 -1.14 17.39 2.43
C GLY A 102 -0.82 16.25 3.41
N PHE A 103 -0.71 14.97 3.02
CA PHE A 103 -0.39 13.90 3.97
C PHE A 103 0.98 14.23 4.57
N PRO A 104 1.13 14.08 5.91
CA PRO A 104 2.27 14.75 6.58
C PRO A 104 3.52 13.88 6.76
N LYS A 105 3.44 12.60 6.37
CA LYS A 105 4.57 11.66 6.62
C LYS A 105 4.97 10.93 5.33
N SER A 106 6.00 10.08 5.46
CA SER A 106 6.67 9.46 4.29
C SER A 106 6.22 8.07 4.03
N CYS A 107 5.33 7.55 4.83
CA CYS A 107 4.71 6.24 4.64
C CYS A 107 3.41 6.26 5.42
N CYS A 108 2.60 5.25 5.27
CA CYS A 108 1.45 5.07 6.14
C CYS A 108 1.63 3.84 6.98
N THR A 109 1.26 3.98 8.27
CA THR A 109 1.40 2.89 9.26
C THR A 109 0.03 2.59 9.89
N SER A 110 -0.52 1.44 9.54
CA SER A 110 -1.96 1.17 9.84
C SER A 110 -1.98 -0.10 10.64
N LEU A 111 -2.14 0.05 11.99
CA LEU A 111 -2.22 -1.13 12.91
C LEU A 111 -3.65 -1.62 13.03
N ASN A 112 -3.76 -2.93 13.19
CA ASN A 112 -5.00 -3.48 13.85
C ASN A 112 -6.27 -3.07 13.15
N GLU A 113 -7.18 -2.30 13.72
CA GLU A 113 -8.46 -1.95 13.09
C GLU A 113 -8.31 -0.81 12.10
N VAL A 114 -7.10 -0.20 11.94
CA VAL A 114 -6.92 0.87 10.93
C VAL A 114 -6.85 0.24 9.54
N ILE A 115 -7.85 0.53 8.73
CA ILE A 115 -7.87 -0.03 7.36
C ILE A 115 -6.69 0.49 6.51
N CYS A 116 -6.50 1.79 6.58
CA CYS A 116 -5.42 2.42 5.80
C CYS A 116 -5.23 3.82 6.23
N HIS A 117 -4.16 4.38 5.71
CA HIS A 117 -3.81 5.80 5.84
C HIS A 117 -3.51 6.24 7.29
N GLY A 118 -3.09 5.26 8.09
CA GLY A 118 -2.59 5.63 9.44
C GLY A 118 -1.39 6.50 9.34
N ILE A 119 -1.23 7.47 10.21
CA ILE A 119 -0.21 8.44 10.19
C ILE A 119 0.88 8.07 11.19
N PRO A 120 2.11 7.81 10.80
CA PRO A 120 3.19 7.56 11.76
C PRO A 120 3.23 8.66 12.81
N ASP A 121 3.40 8.15 14.07
CA ASP A 121 3.31 9.09 15.23
C ASP A 121 3.84 8.40 16.45
N SER A 122 3.44 8.95 17.63
CA SER A 122 3.94 8.40 18.94
C SER A 122 3.31 7.08 19.30
N THR A 123 2.43 6.46 18.51
CA THR A 123 1.84 5.15 18.83
C THR A 123 2.93 4.12 19.03
N VAL A 124 2.83 3.39 20.15
CA VAL A 124 3.73 2.28 20.47
C VAL A 124 3.15 0.96 20.03
N ILE A 125 3.89 0.24 19.19
CA ILE A 125 3.49 -1.11 18.77
C ILE A 125 3.61 -2.04 20.01
N THR A 126 2.69 -2.95 20.17
CA THR A 126 2.76 -3.86 21.34
C THR A 126 2.54 -5.27 20.90
N ASP A 127 2.78 -6.27 21.78
CA ASP A 127 2.57 -7.66 21.43
C ASP A 127 1.17 -7.95 20.98
N GLY A 128 1.14 -8.74 19.86
CA GLY A 128 -0.17 -9.15 19.26
C GLY A 128 -0.61 -8.20 18.13
N ASP A 129 0.08 -7.07 17.94
CA ASP A 129 -0.40 -6.11 16.87
C ASP A 129 0.01 -6.71 15.48
N ILE A 130 -0.81 -6.19 14.52
CA ILE A 130 -0.41 -6.35 13.07
C ILE A 130 -0.25 -4.92 12.52
N VAL A 131 0.86 -4.78 11.83
CA VAL A 131 1.28 -3.45 11.47
C VAL A 131 1.46 -3.42 9.93
N ASN A 132 0.54 -2.69 9.28
CA ASN A 132 0.77 -2.45 7.81
C ASN A 132 1.66 -1.22 7.65
N ILE A 133 2.73 -1.40 6.86
CA ILE A 133 3.58 -0.28 6.41
C ILE A 133 3.41 -0.15 4.92
N ASP A 134 3.16 1.07 4.47
CA ASP A 134 2.90 1.34 3.04
C ASP A 134 3.84 2.43 2.60
N VAL A 135 4.74 2.14 1.68
CA VAL A 135 5.73 3.12 1.24
C VAL A 135 5.70 3.24 -0.29
N THR A 136 5.86 4.46 -0.74
CA THR A 136 5.93 4.73 -2.17
C THR A 136 7.14 5.62 -2.43
N ALA A 137 7.92 5.33 -3.48
CA ALA A 137 9.12 6.08 -3.84
C ALA A 137 8.90 6.77 -5.15
N TYR A 138 9.31 8.05 -5.29
CA TYR A 138 9.30 8.83 -6.57
C TYR A 138 10.73 9.14 -6.91
N ILE A 139 11.19 8.54 -8.01
CA ILE A 139 12.59 8.72 -8.50
C ILE A 139 12.56 8.50 -9.97
N GLY A 140 13.39 9.20 -10.73
CA GLY A 140 13.32 9.04 -12.15
C GLY A 140 11.99 9.49 -12.74
N GLY A 141 11.24 10.33 -12.04
CA GLY A 141 10.02 10.82 -12.62
C GLY A 141 8.86 9.83 -12.55
N VAL A 142 9.04 8.73 -11.78
CA VAL A 142 7.99 7.66 -11.69
C VAL A 142 7.83 7.21 -10.26
N HIS A 143 6.77 6.50 -10.01
CA HIS A 143 6.48 6.01 -8.68
C HIS A 143 6.60 4.48 -8.57
N GLY A 144 6.88 3.97 -7.36
CA GLY A 144 6.82 2.56 -7.07
C GLY A 144 6.21 2.36 -5.72
N ASP A 145 5.22 1.48 -5.60
CA ASP A 145 4.30 1.45 -4.47
C ASP A 145 4.17 0.08 -3.88
N THR A 146 4.43 -0.13 -2.59
CA THR A 146 4.35 -1.49 -1.98
C THR A 146 4.02 -1.38 -0.52
N ASN A 147 3.34 -2.40 0.00
CA ASN A 147 3.00 -2.43 1.43
C ASN A 147 2.89 -3.83 1.90
N ALA A 148 3.02 -4.07 3.22
CA ALA A 148 2.90 -5.39 3.81
C ALA A 148 2.49 -5.23 5.27
N THR A 149 1.82 -6.28 5.75
CA THR A 149 1.40 -6.29 7.21
C THR A 149 2.35 -7.16 7.95
N PHE A 150 2.97 -6.62 9.00
CA PHE A 150 3.99 -7.39 9.81
C PHE A 150 3.46 -7.67 11.21
N PRO A 151 3.59 -8.90 11.71
CA PRO A 151 3.19 -9.21 13.10
C PRO A 151 4.24 -8.70 14.09
N ALA A 152 3.66 -8.27 15.21
CA ALA A 152 4.52 -7.81 16.40
C ALA A 152 4.31 -8.83 17.50
N GLY A 153 5.42 -9.53 17.82
CA GLY A 153 5.28 -10.50 18.92
C GLY A 153 4.34 -11.65 18.56
N ASP A 154 3.76 -12.28 19.53
CA ASP A 154 2.88 -13.42 19.27
C ASP A 154 1.46 -12.90 19.04
N VAL A 155 1.04 -13.07 17.82
CA VAL A 155 -0.24 -12.64 17.37
C VAL A 155 -1.27 -13.76 17.52
N ALA A 156 -2.44 -13.35 17.97
CA ALA A 156 -3.55 -14.32 18.14
C ALA A 156 -3.85 -15.05 16.83
N ASP A 157 -4.28 -16.31 16.88
CA ASP A 157 -4.58 -17.09 15.71
C ASP A 157 -5.56 -16.39 14.71
N GLU A 158 -6.60 -15.78 15.15
CA GLU A 158 -7.55 -15.17 14.19
C GLU A 158 -6.86 -14.04 13.44
N HIS A 159 -5.94 -13.34 14.12
CA HIS A 159 -5.29 -12.20 13.45
C HIS A 159 -4.15 -12.71 12.64
N ARG A 160 -3.37 -13.70 13.01
CA ARG A 160 -2.32 -14.30 12.26
C ARG A 160 -2.88 -14.85 10.95
N LEU A 161 -3.95 -15.61 11.02
CA LEU A 161 -4.54 -16.14 9.82
C LEU A 161 -5.07 -15.05 8.89
N LEU A 162 -5.65 -14.01 9.41
CA LEU A 162 -6.08 -12.91 8.53
C LEU A 162 -4.89 -12.42 7.76
N VAL A 163 -3.72 -12.22 8.38
CA VAL A 163 -2.56 -11.70 7.67
C VAL A 163 -2.09 -12.68 6.68
N ASP A 164 -1.91 -13.97 7.06
CA ASP A 164 -1.42 -14.94 6.08
C ASP A 164 -2.35 -15.11 4.86
N ARG A 165 -3.64 -15.09 5.14
CA ARG A 165 -4.59 -15.29 4.05
C ARG A 165 -4.71 -14.05 3.16
N THR A 166 -4.49 -12.84 3.73
CA THR A 166 -4.41 -11.66 2.87
C THR A 166 -3.19 -11.69 2.00
N ARG A 167 -2.06 -12.08 2.54
CA ARG A 167 -0.93 -12.23 1.74
C ARG A 167 -1.09 -13.22 0.57
N GLU A 168 -1.71 -14.34 0.90
CA GLU A 168 -2.01 -15.33 -0.11
C GLU A 168 -3.00 -14.86 -1.13
N ALA A 169 -4.04 -14.18 -0.71
CA ALA A 169 -4.98 -13.60 -1.69
C ALA A 169 -4.27 -12.70 -2.69
N THR A 170 -3.37 -11.87 -2.15
CA THR A 170 -2.63 -10.95 -3.01
C THR A 170 -1.75 -11.70 -3.99
N MET A 171 -1.03 -12.73 -3.53
CA MET A 171 -0.19 -13.48 -4.43
C MET A 171 -0.98 -14.26 -5.47
N ARG A 172 -2.10 -14.83 -5.06
CA ARG A 172 -2.91 -15.55 -6.07
C ARG A 172 -3.43 -14.59 -7.14
N ALA A 173 -3.80 -13.36 -6.73
CA ALA A 173 -4.23 -12.38 -7.73
C ALA A 173 -3.05 -12.00 -8.64
N ILE A 174 -1.85 -11.76 -8.11
CA ILE A 174 -0.70 -11.43 -8.94
C ILE A 174 -0.44 -12.56 -9.92
N ASN A 175 -0.59 -13.82 -9.49
CA ASN A 175 -0.27 -14.90 -10.39
C ASN A 175 -1.34 -15.10 -11.44
N THR A 176 -2.42 -14.38 -11.47
CA THR A 176 -3.40 -14.41 -12.60
C THR A 176 -2.99 -13.41 -13.66
N VAL A 177 -2.10 -12.45 -13.39
CA VAL A 177 -1.87 -11.39 -14.33
C VAL A 177 -1.15 -11.87 -15.59
N LYS A 178 -1.78 -11.62 -16.74
CA LYS A 178 -1.34 -12.17 -18.02
C LYS A 178 -2.00 -11.26 -19.08
N PRO A 179 -1.27 -11.00 -20.20
CA PRO A 179 -1.90 -10.26 -21.26
C PRO A 179 -3.14 -11.03 -21.80
N GLY A 180 -4.14 -10.24 -22.11
CA GLY A 180 -5.39 -10.79 -22.67
C GLY A 180 -6.41 -11.12 -21.62
N ARG A 181 -6.01 -11.31 -20.35
CA ARG A 181 -7.03 -11.57 -19.32
C ARG A 181 -7.74 -10.35 -18.84
N ALA A 182 -8.97 -10.47 -18.46
CA ALA A 182 -9.72 -9.37 -17.91
C ALA A 182 -9.15 -8.96 -16.53
N LEU A 183 -9.01 -7.66 -16.35
CA LEU A 183 -8.58 -7.10 -15.05
C LEU A 183 -9.47 -7.58 -13.96
N SER A 184 -10.75 -7.81 -14.21
CA SER A 184 -11.70 -8.23 -13.23
C SER A 184 -11.36 -9.57 -12.59
N VAL A 185 -10.47 -10.39 -13.21
CA VAL A 185 -10.12 -11.68 -12.58
C VAL A 185 -9.43 -11.47 -11.22
N ILE A 186 -8.73 -10.31 -11.09
CA ILE A 186 -7.97 -10.05 -9.82
C ILE A 186 -8.96 -10.03 -8.68
N GLY A 187 -10.02 -9.24 -8.76
CA GLY A 187 -11.02 -9.19 -7.72
C GLY A 187 -11.86 -10.47 -7.55
N ARG A 188 -12.08 -11.14 -8.69
CA ARG A 188 -12.79 -12.44 -8.59
C ARG A 188 -11.97 -13.40 -7.69
N VAL A 189 -10.68 -13.46 -7.98
CA VAL A 189 -9.80 -14.37 -7.20
C VAL A 189 -9.66 -13.91 -5.78
N ILE A 190 -9.51 -12.63 -5.48
CA ILE A 190 -9.31 -12.18 -4.07
C ILE A 190 -10.58 -12.42 -3.32
N GLU A 191 -11.74 -12.03 -3.84
CA GLU A 191 -12.97 -12.19 -3.04
C GLU A 191 -13.41 -13.63 -2.90
N SER A 192 -13.20 -14.46 -3.86
CA SER A 192 -13.54 -15.85 -3.70
C SER A 192 -12.68 -16.41 -2.59
N TYR A 193 -11.40 -16.11 -2.53
CA TYR A 193 -10.51 -16.71 -1.52
C TYR A 193 -10.89 -16.11 -0.21
N ALA A 194 -11.11 -14.80 -0.06
CA ALA A 194 -11.47 -14.24 1.23
C ALA A 194 -12.72 -14.82 1.80
N ASN A 195 -13.68 -15.06 0.92
CA ASN A 195 -15.01 -15.52 1.33
C ASN A 195 -14.96 -16.94 1.85
N ARG A 196 -13.96 -17.71 1.53
CA ARG A 196 -13.77 -19.10 2.12
C ARG A 196 -13.68 -18.95 3.64
N PHE A 197 -13.19 -17.82 4.15
CA PHE A 197 -12.95 -17.69 5.62
C PHE A 197 -13.91 -16.80 6.28
N GLY A 198 -14.91 -16.32 5.53
CA GLY A 198 -15.88 -15.34 6.02
C GLY A 198 -15.35 -13.91 6.25
N TYR A 199 -14.26 -13.63 5.46
CA TYR A 199 -13.76 -12.22 5.52
C TYR A 199 -14.44 -11.34 4.45
N ASN A 200 -14.38 -10.03 4.66
CA ASN A 200 -15.03 -9.08 3.76
C ASN A 200 -13.96 -8.22 3.09
N VAL A 201 -13.95 -8.16 1.75
CA VAL A 201 -12.91 -7.39 1.00
C VAL A 201 -13.36 -5.99 0.90
N VAL A 202 -12.56 -4.99 1.29
CA VAL A 202 -12.90 -3.64 1.21
C VAL A 202 -13.08 -3.19 -0.28
N ARG A 203 -14.15 -2.42 -0.44
CA ARG A 203 -14.61 -1.99 -1.81
C ARG A 203 -14.31 -0.55 -2.09
N ASP A 204 -14.29 0.33 -1.09
CA ASP A 204 -14.14 1.74 -1.38
C ASP A 204 -12.69 2.21 -1.59
N PHE A 205 -11.76 1.32 -1.33
CA PHE A 205 -10.34 1.54 -1.69
C PHE A 205 -9.97 0.42 -2.64
N THR A 206 -9.12 0.82 -3.59
CA THR A 206 -8.82 -0.06 -4.73
C THR A 206 -7.35 0.00 -5.08
N GLY A 207 -6.92 -0.90 -5.94
CA GLY A 207 -5.63 -0.73 -6.60
C GLY A 207 -5.74 0.27 -7.72
N HIS A 208 -4.63 0.53 -8.39
CA HIS A 208 -4.62 1.65 -9.36
C HIS A 208 -3.47 1.50 -10.34
N GLY A 209 -3.68 2.10 -11.53
CA GLY A 209 -2.52 2.31 -12.42
C GLY A 209 -1.54 3.27 -11.71
N ILE A 210 -0.26 3.08 -12.05
CA ILE A 210 0.81 3.89 -11.50
C ILE A 210 1.85 4.03 -12.56
N GLY A 211 2.59 5.13 -12.60
CA GLY A 211 3.55 5.37 -13.66
C GLY A 211 4.28 6.67 -13.34
N THR A 212 4.20 7.62 -14.22
CA THR A 212 4.68 8.95 -13.92
C THR A 212 3.82 9.63 -12.89
N THR A 213 2.64 9.11 -12.65
CA THR A 213 1.72 9.62 -11.62
C THR A 213 1.43 8.50 -10.65
N PHE A 214 0.99 8.87 -9.44
CA PHE A 214 0.76 7.95 -8.32
C PHE A 214 -0.48 7.13 -8.57
N HIS A 215 -1.61 7.85 -8.79
CA HIS A 215 -2.92 7.20 -9.04
C HIS A 215 -3.42 7.65 -10.42
N ASN A 216 -3.17 6.84 -11.46
CA ASN A 216 -3.27 7.38 -12.85
C ASN A 216 -4.65 7.36 -13.47
N GLY A 217 -5.66 6.88 -12.77
CA GLY A 217 -7.04 6.83 -13.28
C GLY A 217 -7.47 5.40 -13.59
N LEU A 218 -6.55 4.47 -13.88
CA LEU A 218 -6.89 3.04 -13.94
C LEU A 218 -7.26 2.61 -12.52
N VAL A 219 -8.34 1.89 -12.36
CA VAL A 219 -8.78 1.38 -11.09
C VAL A 219 -8.75 -0.12 -11.13
N VAL A 220 -8.23 -0.77 -10.08
CA VAL A 220 -8.14 -2.23 -9.99
C VAL A 220 -9.05 -2.63 -8.79
N LEU A 221 -10.21 -3.21 -9.05
CA LEU A 221 -11.10 -3.57 -7.92
C LEU A 221 -10.63 -4.88 -7.31
N HIS A 222 -10.78 -4.99 -5.97
CA HIS A 222 -10.41 -6.24 -5.30
C HIS A 222 -11.60 -7.13 -4.95
N TYR A 223 -12.78 -6.70 -5.35
CA TYR A 223 -14.02 -7.54 -5.26
C TYR A 223 -14.45 -7.97 -6.64
N ASP A 224 -15.38 -8.92 -6.68
CA ASP A 224 -15.84 -9.46 -7.92
C ASP A 224 -16.85 -8.53 -8.63
N GLN A 225 -16.42 -8.08 -9.79
CA GLN A 225 -17.32 -7.26 -10.67
C GLN A 225 -16.94 -7.48 -12.10
N PRO A 226 -17.59 -8.53 -12.72
CA PRO A 226 -17.17 -8.96 -14.05
C PRO A 226 -17.64 -8.06 -15.22
N ALA A 227 -18.43 -7.03 -14.87
CA ALA A 227 -18.86 -6.13 -15.92
C ALA A 227 -17.73 -5.21 -16.37
N VAL A 228 -16.64 -5.08 -15.57
CA VAL A 228 -15.52 -4.23 -16.07
C VAL A 228 -14.94 -4.86 -17.31
N GLU A 229 -14.72 -4.09 -18.39
CA GLU A 229 -14.27 -4.69 -19.64
C GLU A 229 -12.77 -4.62 -19.86
N THR A 230 -12.05 -3.89 -18.91
CA THR A 230 -10.61 -3.62 -19.10
C THR A 230 -9.81 -4.93 -19.24
N ILE A 231 -8.97 -4.99 -20.25
CA ILE A 231 -8.13 -6.12 -20.41
C ILE A 231 -6.66 -5.85 -20.07
N MET A 232 -5.94 -6.78 -19.46
CA MET A 232 -4.50 -6.58 -19.15
C MET A 232 -3.71 -6.68 -20.42
N GLN A 233 -2.78 -5.79 -20.72
CA GLN A 233 -2.04 -5.72 -21.99
C GLN A 233 -0.58 -5.51 -21.60
N PRO A 234 0.39 -5.97 -22.38
CA PRO A 234 1.77 -5.77 -22.10
C PRO A 234 2.11 -4.29 -21.96
N GLY A 235 2.88 -4.00 -20.87
CA GLY A 235 3.30 -2.65 -20.57
C GLY A 235 2.38 -1.91 -19.60
N MET A 236 1.22 -2.45 -19.30
CA MET A 236 0.42 -1.85 -18.20
C MET A 236 1.06 -2.11 -16.89
N THR A 237 0.99 -1.05 -16.05
CA THR A 237 1.55 -1.08 -14.69
C THR A 237 0.48 -0.65 -13.72
N PHE A 238 0.29 -1.47 -12.69
CA PHE A 238 -0.75 -1.15 -11.70
C PHE A 238 -0.45 -1.89 -10.39
N THR A 239 -1.17 -1.52 -9.38
CA THR A 239 -1.03 -2.16 -8.03
C THR A 239 -2.13 -3.20 -7.85
N ILE A 240 -1.82 -4.22 -7.06
CA ILE A 240 -2.80 -5.08 -6.45
C ILE A 240 -2.57 -4.92 -4.95
N GLU A 241 -3.63 -4.57 -4.25
CA GLU A 241 -3.46 -4.09 -2.83
C GLU A 241 -4.74 -4.27 -1.99
N PRO A 242 -5.23 -5.50 -1.91
CA PRO A 242 -6.53 -5.65 -1.18
C PRO A 242 -6.39 -5.45 0.33
N MET A 243 -7.41 -4.77 0.85
CA MET A 243 -7.59 -4.63 2.30
C MET A 243 -8.72 -5.56 2.66
N ILE A 244 -8.47 -6.46 3.60
CA ILE A 244 -9.39 -7.55 3.95
C ILE A 244 -9.75 -7.48 5.42
N ASN A 245 -11.04 -7.37 5.71
CA ASN A 245 -11.58 -7.22 7.04
C ASN A 245 -12.05 -8.55 7.65
N LEU A 246 -11.74 -8.75 8.96
CA LEU A 246 -12.46 -9.77 9.77
C LEU A 246 -13.89 -9.38 10.00
N GLY A 247 -14.19 -8.14 10.18
CA GLY A 247 -15.57 -7.69 10.47
C GLY A 247 -16.26 -7.02 9.29
N ALA A 248 -17.20 -6.14 9.56
CA ALA A 248 -17.98 -5.53 8.51
C ALA A 248 -17.17 -4.46 7.78
N LEU A 249 -17.62 -4.03 6.64
CA LEU A 249 -16.90 -3.03 5.86
C LEU A 249 -17.09 -1.63 6.35
N ASP A 250 -18.15 -1.37 7.18
CA ASP A 250 -18.39 0.02 7.58
C ASP A 250 -17.15 0.66 8.25
N TYR A 251 -16.89 1.92 7.98
CA TYR A 251 -15.66 2.54 8.43
C TYR A 251 -15.91 3.97 8.76
N GLU A 252 -15.02 4.55 9.54
CA GLU A 252 -15.07 5.94 9.95
C GLU A 252 -13.71 6.58 9.70
N ILE A 253 -13.60 7.87 9.66
CA ILE A 253 -12.31 8.56 9.51
C ILE A 253 -12.08 9.41 10.75
N TRP A 254 -10.93 9.31 11.39
CA TRP A 254 -10.63 10.10 12.54
C TRP A 254 -10.61 11.60 12.22
N ASP A 255 -10.55 12.39 13.32
CA ASP A 255 -10.55 13.86 13.16
C ASP A 255 -9.38 14.39 12.41
N ASP A 256 -8.27 13.61 12.35
CA ASP A 256 -7.14 14.04 11.61
C ASP A 256 -7.46 14.11 10.09
N GLY A 257 -8.58 13.54 9.68
CA GLY A 257 -8.97 13.58 8.29
C GLY A 257 -8.34 12.51 7.44
N TRP A 258 -7.48 11.69 8.06
CA TRP A 258 -6.79 10.63 7.31
C TRP A 258 -7.03 9.24 7.75
N THR A 259 -7.05 8.98 9.08
CA THR A 259 -6.95 7.62 9.55
C THR A 259 -8.23 6.92 9.30
N VAL A 260 -8.30 5.80 8.62
CA VAL A 260 -9.58 5.10 8.31
C VAL A 260 -9.65 3.85 9.14
N VAL A 261 -10.71 3.74 9.98
CA VAL A 261 -10.85 2.63 10.95
C VAL A 261 -12.11 1.83 10.75
N THR A 262 -12.12 0.58 11.03
CA THR A 262 -13.40 -0.15 11.01
C THR A 262 -14.30 0.34 12.12
N LYS A 263 -15.61 0.47 11.82
CA LYS A 263 -16.55 1.03 12.84
C LYS A 263 -16.72 -0.05 13.93
N ASP A 264 -16.61 -1.32 13.65
CA ASP A 264 -16.75 -2.38 14.70
C ASP A 264 -15.44 -2.67 15.39
N ARG A 265 -14.33 -1.97 14.97
CA ARG A 265 -12.94 -2.18 15.60
C ARG A 265 -12.38 -3.57 15.45
N LYS A 266 -12.92 -4.41 14.58
CA LYS A 266 -12.31 -5.61 14.20
C LYS A 266 -11.11 -5.31 13.19
N TRP A 267 -10.16 -6.21 13.26
CA TRP A 267 -8.85 -5.92 12.60
C TRP A 267 -8.93 -6.20 11.14
N THR A 268 -7.98 -5.68 10.41
CA THR A 268 -7.95 -5.69 8.93
C THR A 268 -6.49 -5.76 8.48
N ALA A 269 -6.24 -6.35 7.32
CA ALA A 269 -4.85 -6.49 6.83
C ALA A 269 -4.77 -6.19 5.33
N GLN A 270 -3.58 -5.83 4.89
CA GLN A 270 -3.37 -5.41 3.48
C GLN A 270 -2.01 -5.80 3.05
N PHE A 271 -1.81 -6.17 1.76
CA PHE A 271 -0.49 -6.28 1.14
C PHE A 271 -0.57 -5.59 -0.19
N GLU A 272 0.55 -5.18 -0.76
CA GLU A 272 0.55 -4.45 -2.04
C GLU A 272 1.85 -4.65 -2.78
N HIS A 273 1.75 -4.88 -4.09
CA HIS A 273 2.87 -4.78 -5.02
C HIS A 273 2.48 -3.90 -6.20
N THR A 274 3.50 -3.36 -6.86
CA THR A 274 3.38 -2.76 -8.20
C THR A 274 3.71 -3.83 -9.21
N LEU A 275 2.87 -3.99 -10.20
CA LEU A 275 3.05 -5.07 -11.23
C LEU A 275 3.20 -4.48 -12.59
N LEU A 276 3.96 -5.18 -13.45
CA LEU A 276 4.01 -4.95 -14.89
C LEU A 276 3.45 -6.13 -15.60
N VAL A 277 2.54 -5.88 -16.52
CA VAL A 277 2.09 -7.00 -17.45
C VAL A 277 3.19 -7.16 -18.50
N THR A 278 3.68 -8.41 -18.61
CA THR A 278 4.76 -8.68 -19.62
C THR A 278 4.09 -9.38 -20.82
N ASP A 279 4.94 -9.73 -21.79
CA ASP A 279 4.37 -10.44 -22.95
C ASP A 279 3.87 -11.80 -22.54
N THR A 280 4.36 -12.38 -21.47
CA THR A 280 4.02 -13.76 -21.11
C THR A 280 3.16 -13.86 -19.83
N GLY A 281 3.21 -12.81 -18.95
CA GLY A 281 2.72 -12.97 -17.62
C GLY A 281 2.91 -11.64 -16.87
N VAL A 282 3.58 -11.74 -15.72
CA VAL A 282 3.67 -10.56 -14.83
C VAL A 282 5.05 -10.47 -14.35
N GLU A 283 5.50 -9.23 -14.04
CA GLU A 283 6.75 -8.98 -13.33
C GLU A 283 6.45 -8.12 -12.10
N ILE A 284 6.81 -8.53 -10.91
CA ILE A 284 6.65 -7.72 -9.73
C ILE A 284 7.76 -6.68 -9.72
N LEU A 285 7.41 -5.41 -9.76
CA LEU A 285 8.44 -4.34 -9.79
C LEU A 285 8.95 -4.00 -8.40
N THR A 286 8.19 -4.30 -7.38
CA THR A 286 8.51 -3.98 -5.96
C THR A 286 9.09 -5.17 -5.18
N CYS A 287 10.16 -5.76 -5.78
CA CYS A 287 10.91 -6.88 -5.14
C CYS A 287 12.31 -6.38 -4.85
N LEU A 288 12.88 -7.01 -3.84
CA LEU A 288 14.34 -6.83 -3.54
C LEU A 288 15.20 -7.56 -4.57
MN MN B . 0.78 2.04 -1.22
MN MN C . -1.26 1.89 -4.05
OA FCD D . -2.52 5.86 -1.39
CA FCD D . -1.90 4.72 -1.10
C FCD D . -1.75 3.70 -2.09
OB FCD D . -2.35 3.87 -3.24
CB FCD D . -1.48 4.68 0.25
CG FCD D . -1.84 5.93 0.76
CD FCD D . -2.46 6.62 -0.28
OXT FCD D . -1.13 2.62 -1.96
C1 FCD D . -3.19 7.93 -0.29
C2 FCD D . -4.40 7.97 -1.06
C3 FCD D . -5.16 9.15 -1.04
C4 FCD D . -4.76 10.28 -0.33
C5 FCD D . -3.57 10.27 0.34
C6 FCD D . -2.83 9.04 0.45
CL2 FCD D . -1.35 9.07 1.37
OA FCD E . 5.82 -11.56 0.62
CA FCD E . 5.86 -12.85 0.56
C FCD E . 6.99 -13.49 1.37
OB FCD E . 7.13 -13.21 2.68
CB FCD E . 4.83 -13.39 -0.25
CG FCD E . 4.19 -12.22 -0.63
CD FCD E . 4.86 -11.12 -0.06
OXT FCD E . 7.78 -14.26 0.83
C1 FCD E . 4.60 -9.63 -0.20
C2 FCD E . 5.52 -8.67 0.22
C3 FCD E . 5.43 -7.28 0.09
C4 FCD E . 4.25 -6.77 -0.42
C5 FCD E . 3.34 -7.61 -0.94
C6 FCD E . 3.47 -9.01 -0.82
CL2 FCD E . 2.13 -9.94 -1.45
S SO4 F . -20.75 -0.76 -4.00
O1 SO4 F . -21.86 -0.05 -3.29
O2 SO4 F . -20.59 0.00 -5.29
O3 SO4 F . -19.46 -0.95 -3.33
O4 SO4 F . -21.12 -2.09 -4.40
CL CL G . -6.96 -24.32 -3.55
#